data_7OUC
#
_entry.id   7OUC
#
_cell.length_a   46.069
_cell.length_b   104.437
_cell.length_c   69.226
_cell.angle_alpha   90.000
_cell.angle_beta   104.886
_cell.angle_gamma   90.000
#
_symmetry.space_group_name_H-M   'P 1 21 1'
#
loop_
_entity.id
_entity.type
_entity.pdbx_description
1 polymer 'Putative FAD-dependent monooxygenase GrhO5'
2 non-polymer 'FLAVIN-ADENINE DINUCLEOTIDE'
3 water water
#
_entity_poly.entity_id   1
_entity_poly.type   'polypeptide(L)'
_entity_poly.pdbx_seq_one_letter_code
;GTRVLIVGGSLVGLSTAVFLAHHDVPVTLVERHPGTSIHPRAVGYYPRTAELLATVGVEAPAKAAASGFEKHRTRAGVES
LAGEVLFSKEELEGGDELADLTPSSLLLLPQDRLEPILRARAEELGAELRFGAELRSFTQDADGVSAVVRDADGGESVVR
ADYLVAADGPRSTVREALGIGREGRGVLSRHVSIAFGADFAAVLGERRYSVVHVQNDRVTGILVHDDTLTEGTLIVGYDP
EKGEGLDDFTDARCAELVSAAIGSDDVAVTIRSRFPWDMAELVADAFVSDRVLVAGDAAHQIPPTGGYGANTGIADAFNL
SWKLAHVLAGTAGRALLDTYDEERRPVGLYTARQGSLQLAVRSRTATEEQREAAHDAMRVTMGQAYPSGAFVADAGADPL
PLTSDPRTLRGEPGTRAPYVVLERDGAPLSTLDLFGDGFVLLVGADGGSWAEAAGEAAAGLGVGIAFHRVAPDAGEGRPV
DVHGRWAEAYGVGAAGAVLVRPDGIVAWRSRDGMPGGAGGRALTAALRTVLAR
;
_entity_poly.pdbx_strand_id   AAA
#
# COMPACT_ATOMS: atom_id res chain seq x y z
N GLY A 1 1.79 27.36 4.42
CA GLY A 1 1.41 26.91 3.04
C GLY A 1 1.30 25.40 2.98
N THR A 2 2.40 24.71 3.29
CA THR A 2 2.53 23.23 3.35
C THR A 2 2.25 22.68 4.74
N ARG A 3 1.29 21.78 4.88
CA ARG A 3 1.00 21.27 6.22
C ARG A 3 1.75 19.95 6.36
N VAL A 4 1.78 19.10 5.33
CA VAL A 4 2.56 17.82 5.38
C VAL A 4 3.59 17.81 4.26
N LEU A 5 4.83 17.59 4.64
CA LEU A 5 5.93 17.33 3.68
C LEU A 5 6.12 15.82 3.54
N ILE A 6 6.22 15.36 2.31
CA ILE A 6 6.50 13.93 2.00
C ILE A 6 7.87 13.90 1.34
N VAL A 7 8.76 13.04 1.80
CA VAL A 7 10.09 12.79 1.18
C VAL A 7 9.96 11.45 0.49
N GLY A 8 10.09 11.47 -0.83
CA GLY A 8 10.03 10.28 -1.69
C GLY A 8 8.86 10.32 -2.62
N GLY A 9 9.12 10.21 -3.93
CA GLY A 9 8.11 10.26 -5.00
C GLY A 9 8.07 8.91 -5.71
N SER A 10 8.24 7.84 -4.94
CA SER A 10 7.99 6.48 -5.40
C SER A 10 6.60 6.07 -4.90
N LEU A 11 6.29 4.80 -4.96
CA LEU A 11 4.94 4.29 -4.68
C LEU A 11 4.37 4.82 -3.35
N VAL A 12 5.12 4.77 -2.25
CA VAL A 12 4.49 5.09 -0.94
C VAL A 12 4.34 6.60 -0.81
N GLY A 13 5.34 7.35 -1.21
CA GLY A 13 5.27 8.83 -1.16
C GLY A 13 4.12 9.33 -2.00
N LEU A 14 3.95 8.79 -3.19
CA LEU A 14 2.85 9.22 -4.09
C LEU A 14 1.52 8.75 -3.54
N SER A 15 1.43 7.53 -3.02
CA SER A 15 0.19 7.05 -2.34
C SER A 15 -0.19 8.01 -1.20
N THR A 16 0.77 8.37 -0.37
CA THR A 16 0.58 9.34 0.72
C THR A 16 0.06 10.67 0.16
N ALA A 17 0.65 11.20 -0.92
CA ALA A 17 0.21 12.46 -1.58
C ALA A 17 -1.26 12.36 -2.02
N VAL A 18 -1.65 11.23 -2.60
CA VAL A 18 -3.03 11.05 -3.10
C VAL A 18 -3.97 11.03 -1.90
N PHE A 19 -3.69 10.19 -0.93
CA PHE A 19 -4.60 9.98 0.25
C PHE A 19 -4.71 11.29 1.04
N LEU A 20 -3.58 11.95 1.24
CA LEU A 20 -3.58 13.26 1.96
C LEU A 20 -4.41 14.31 1.22
N ALA A 21 -4.15 14.52 -0.06
CA ALA A 21 -4.84 15.51 -0.92
C ALA A 21 -6.32 15.13 -1.07
N HIS A 22 -6.66 13.85 -1.15
CA HIS A 22 -8.06 13.38 -1.08
C HIS A 22 -8.77 13.92 0.17
N HIS A 23 -8.09 13.87 1.31
CA HIS A 23 -8.58 14.33 2.63
C HIS A 23 -8.32 15.84 2.80
N ASP A 24 -8.02 16.55 1.71
CA ASP A 24 -7.90 18.04 1.64
C ASP A 24 -6.79 18.54 2.56
N VAL A 25 -5.72 17.78 2.71
CA VAL A 25 -4.51 18.21 3.48
C VAL A 25 -3.54 18.83 2.51
N PRO A 26 -3.08 20.09 2.74
CA PRO A 26 -2.07 20.68 1.87
C PRO A 26 -0.80 19.84 1.94
N VAL A 27 -0.26 19.41 0.81
CA VAL A 27 0.90 18.48 0.79
C VAL A 27 1.95 19.02 -0.18
N THR A 28 3.19 18.96 0.24
CA THR A 28 4.39 19.12 -0.61
C THR A 28 5.14 17.79 -0.58
N LEU A 29 5.48 17.24 -1.73
CA LEU A 29 6.30 16.04 -1.84
C LEU A 29 7.58 16.46 -2.56
N VAL A 30 8.72 15.98 -2.07
CA VAL A 30 10.03 16.17 -2.70
C VAL A 30 10.53 14.79 -3.11
N GLU A 31 11.03 14.66 -4.33
CA GLU A 31 11.65 13.45 -4.85
C GLU A 31 12.95 13.89 -5.53
N ARG A 32 14.08 13.34 -5.13
CA ARG A 32 15.39 13.76 -5.67
C ARG A 32 15.48 13.48 -7.18
N HIS A 33 14.91 12.36 -7.67
CA HIS A 33 15.00 11.99 -9.11
C HIS A 33 14.10 12.92 -9.89
N PRO A 34 14.43 13.17 -11.19
CA PRO A 34 13.66 14.12 -11.99
C PRO A 34 12.25 13.65 -12.35
N GLY A 35 11.93 12.37 -12.21
CA GLY A 35 10.53 11.92 -12.30
C GLY A 35 10.37 10.56 -11.68
N THR A 36 9.31 9.83 -12.04
CA THR A 36 9.04 8.50 -11.46
C THR A 36 9.88 7.48 -12.21
N SER A 37 10.35 6.47 -11.50
CA SER A 37 11.26 5.44 -12.04
C SER A 37 10.56 4.70 -13.17
N ILE A 38 11.29 4.42 -14.25
CA ILE A 38 10.78 3.55 -15.34
C ILE A 38 11.00 2.07 -15.00
N HIS A 39 11.60 1.71 -13.87
CA HIS A 39 11.81 0.29 -13.49
C HIS A 39 10.49 -0.34 -13.06
N PRO A 40 10.18 -1.56 -13.54
CA PRO A 40 8.90 -2.20 -13.22
C PRO A 40 8.77 -2.48 -11.72
N ARG A 41 9.87 -2.87 -11.07
CA ARG A 41 9.95 -3.10 -9.61
C ARG A 41 8.83 -4.03 -9.16
N ALA A 42 8.00 -3.65 -8.19
CA ALA A 42 6.90 -4.52 -7.71
C ALA A 42 5.76 -4.56 -8.71
N VAL A 43 5.23 -5.74 -9.02
CA VAL A 43 4.24 -5.86 -10.12
C VAL A 43 2.87 -6.37 -9.65
N GLY A 44 2.69 -6.86 -8.44
CA GLY A 44 1.40 -7.48 -8.06
C GLY A 44 0.74 -6.65 -7.00
N TYR A 45 -0.48 -6.17 -7.20
CA TYR A 45 -1.21 -5.41 -6.15
C TYR A 45 -2.44 -6.21 -5.80
N TYR A 46 -2.47 -6.69 -4.57
CA TYR A 46 -3.51 -7.62 -4.04
C TYR A 46 -4.86 -6.92 -4.02
N PRO A 47 -5.96 -7.67 -4.00
CA PRO A 47 -7.29 -7.06 -3.94
C PRO A 47 -7.46 -5.98 -2.86
N ARG A 48 -6.95 -6.18 -1.66
CA ARG A 48 -7.10 -5.17 -0.57
C ARG A 48 -6.47 -3.87 -1.04
N THR A 49 -5.25 -3.92 -1.62
CA THR A 49 -4.55 -2.72 -2.14
C THR A 49 -5.43 -2.05 -3.18
N ALA A 50 -6.07 -2.85 -4.04
CA ALA A 50 -6.92 -2.32 -5.14
C ALA A 50 -8.14 -1.63 -4.53
N GLU A 51 -8.68 -2.19 -3.45
CA GLU A 51 -9.83 -1.55 -2.77
C GLU A 51 -9.38 -0.18 -2.24
N LEU A 52 -8.19 -0.11 -1.67
CA LEU A 52 -7.67 1.19 -1.14
C LEU A 52 -7.60 2.19 -2.28
N LEU A 53 -7.04 1.77 -3.40
CA LEU A 53 -6.85 2.62 -4.58
C LEU A 53 -8.22 2.99 -5.12
N ALA A 54 -9.23 2.11 -4.98
CA ALA A 54 -10.61 2.38 -5.45
C ALA A 54 -11.14 3.66 -4.79
N THR A 55 -10.78 3.90 -3.56
CA THR A 55 -11.38 5.00 -2.74
C THR A 55 -10.93 6.34 -3.27
N VAL A 56 -9.83 6.38 -4.03
CA VAL A 56 -9.32 7.67 -4.60
C VAL A 56 -9.34 7.59 -6.13
N GLY A 57 -10.06 6.63 -6.71
CA GLY A 57 -10.34 6.55 -8.15
C GLY A 57 -9.10 6.12 -8.95
N VAL A 58 -8.20 5.39 -8.31
CA VAL A 58 -6.95 4.95 -8.99
C VAL A 58 -7.10 3.50 -9.47
N GLU A 59 -7.94 2.70 -8.82
CA GLU A 59 -8.14 1.29 -9.25
C GLU A 59 -8.57 1.22 -10.73
N ALA A 60 -9.52 2.04 -11.18
CA ALA A 60 -10.04 1.92 -12.56
C ALA A 60 -8.91 2.12 -13.58
N PRO A 61 -8.24 3.28 -13.62
CA PRO A 61 -7.16 3.49 -14.58
C PRO A 61 -6.03 2.47 -14.41
N ALA A 62 -5.79 1.95 -13.20
CA ALA A 62 -4.71 0.96 -12.99
C ALA A 62 -5.14 -0.39 -13.61
N LYS A 63 -6.40 -0.80 -13.48
CA LYS A 63 -6.94 -2.01 -14.17
C LYS A 63 -6.86 -1.84 -15.69
N ALA A 64 -7.13 -0.64 -16.18
CA ALA A 64 -7.08 -0.35 -17.64
C ALA A 64 -5.64 -0.56 -18.09
N ALA A 65 -4.69 0.08 -17.41
CA ALA A 65 -3.24 -0.10 -17.67
C ALA A 65 -2.86 -1.58 -17.54
N ALA A 66 -3.43 -2.32 -16.60
CA ALA A 66 -3.05 -3.73 -16.37
C ALA A 66 -3.50 -4.61 -17.54
N SER A 67 -4.58 -4.28 -18.27
CA SER A 67 -5.13 -5.22 -19.29
C SER A 67 -4.07 -5.39 -20.39
N GLY A 68 -3.26 -4.35 -20.63
CA GLY A 68 -2.15 -4.38 -21.59
C GLY A 68 -1.17 -5.49 -21.30
N PHE A 69 -1.02 -5.91 -20.03
CA PHE A 69 -0.07 -6.93 -19.58
C PHE A 69 -0.73 -8.30 -19.37
N GLU A 70 -2.05 -8.40 -19.54
CA GLU A 70 -2.82 -9.60 -19.11
C GLU A 70 -2.46 -10.79 -19.99
N LYS A 71 -2.02 -10.59 -21.23
CA LYS A 71 -1.58 -11.71 -22.13
C LYS A 71 -0.19 -12.21 -21.72
N HIS A 72 0.52 -11.51 -20.81
CA HIS A 72 1.88 -11.92 -20.34
C HIS A 72 1.79 -13.02 -19.28
N ARG A 73 1.51 -14.25 -19.70
CA ARG A 73 1.11 -15.35 -18.76
C ARG A 73 2.28 -16.32 -18.57
N THR A 74 3.26 -16.36 -19.47
CA THR A 74 4.29 -17.44 -19.50
C THR A 74 5.48 -17.04 -18.62
N ARG A 75 5.85 -17.91 -17.68
CA ARG A 75 7.11 -17.87 -16.91
C ARG A 75 8.09 -18.85 -17.58
N ALA A 76 9.34 -18.44 -17.81
CA ALA A 76 10.31 -19.24 -18.59
C ALA A 76 11.72 -19.07 -18.02
N GLY A 77 12.53 -20.10 -18.17
CA GLY A 77 13.96 -20.05 -17.90
C GLY A 77 14.65 -20.35 -19.20
N VAL A 78 15.67 -19.58 -19.55
CA VAL A 78 16.23 -19.57 -20.92
C VAL A 78 17.71 -19.36 -20.77
N GLU A 79 18.47 -19.71 -21.81
CA GLU A 79 19.90 -19.36 -21.92
C GLU A 79 19.97 -17.89 -22.31
N SER A 80 19.08 -17.47 -23.20
CA SER A 80 18.87 -16.05 -23.56
C SER A 80 17.52 -15.95 -24.21
N LEU A 81 16.98 -14.75 -24.28
CA LEU A 81 15.64 -14.53 -24.86
C LEU A 81 15.60 -15.07 -26.30
N ALA A 82 16.66 -14.87 -27.09
CA ALA A 82 16.74 -15.30 -28.51
C ALA A 82 17.14 -16.79 -28.63
N GLY A 83 17.66 -17.39 -27.56
CA GLY A 83 18.27 -18.74 -27.58
C GLY A 83 17.34 -19.79 -26.98
N GLU A 84 17.90 -20.75 -26.24
CA GLU A 84 17.21 -22.03 -25.90
C GLU A 84 16.31 -21.82 -24.67
N VAL A 85 15.03 -22.18 -24.81
CA VAL A 85 14.03 -22.16 -23.70
C VAL A 85 14.21 -23.45 -22.90
N LEU A 86 14.83 -23.37 -21.72
CA LEU A 86 15.03 -24.49 -20.75
C LEU A 86 13.67 -25.01 -20.27
N PHE A 87 12.82 -24.13 -19.71
CA PHE A 87 11.48 -24.47 -19.17
C PHE A 87 10.51 -23.30 -19.42
N SER A 88 9.20 -23.58 -19.45
CA SER A 88 8.14 -22.55 -19.53
C SER A 88 6.78 -23.12 -19.07
N LYS A 89 5.96 -22.28 -18.44
CA LYS A 89 4.59 -22.65 -17.97
C LYS A 89 3.79 -21.37 -17.70
N GLU A 90 2.48 -21.53 -17.44
CA GLU A 90 1.53 -20.40 -17.22
C GLU A 90 1.31 -20.19 -15.72
N GLU A 97 -11.78 -18.37 -5.91
CA GLU A 97 -12.78 -17.43 -6.50
C GLU A 97 -13.19 -16.44 -5.41
N LEU A 98 -12.81 -15.16 -5.54
CA LEU A 98 -12.80 -14.19 -4.41
C LEU A 98 -14.09 -13.38 -4.37
N ALA A 99 -15.06 -13.62 -5.26
CA ALA A 99 -16.21 -12.70 -5.49
C ALA A 99 -17.09 -12.53 -4.25
N ASP A 100 -17.15 -13.49 -3.33
CA ASP A 100 -17.96 -13.32 -2.09
C ASP A 100 -17.19 -12.46 -1.07
N LEU A 101 -15.90 -12.23 -1.28
CA LEU A 101 -15.00 -11.54 -0.29
C LEU A 101 -14.65 -10.11 -0.72
N THR A 102 -14.34 -9.92 -1.99
CA THR A 102 -13.81 -8.65 -2.53
C THR A 102 -14.34 -8.48 -3.94
N PRO A 103 -14.65 -7.23 -4.31
CA PRO A 103 -14.98 -6.87 -5.67
C PRO A 103 -13.73 -6.67 -6.55
N SER A 104 -12.53 -6.70 -5.95
CA SER A 104 -11.26 -6.42 -6.65
C SER A 104 -10.54 -7.72 -6.96
N SER A 105 -9.75 -7.72 -8.02
CA SER A 105 -8.89 -8.90 -8.30
C SER A 105 -7.44 -8.44 -8.17
N LEU A 106 -6.53 -9.40 -8.13
CA LEU A 106 -5.08 -9.14 -8.24
C LEU A 106 -4.85 -8.25 -9.45
N LEU A 107 -4.24 -7.10 -9.24
CA LEU A 107 -3.86 -6.11 -10.26
C LEU A 107 -2.40 -6.33 -10.66
N LEU A 108 -2.16 -6.79 -11.89
CA LEU A 108 -0.80 -7.17 -12.34
C LEU A 108 -0.32 -6.04 -13.22
N LEU A 109 0.31 -5.05 -12.61
CA LEU A 109 0.71 -3.80 -13.25
C LEU A 109 2.07 -3.40 -12.70
N PRO A 110 3.08 -3.14 -13.54
CA PRO A 110 4.36 -2.72 -12.99
C PRO A 110 4.24 -1.36 -12.31
N GLN A 111 5.14 -1.14 -11.38
CA GLN A 111 5.19 0.07 -10.56
C GLN A 111 5.37 1.29 -11.45
N ASP A 112 6.18 1.20 -12.52
CA ASP A 112 6.44 2.39 -13.38
C ASP A 112 5.15 2.82 -14.06
N ARG A 113 4.11 1.96 -14.11
CA ARG A 113 2.80 2.33 -14.74
C ARG A 113 1.79 2.78 -13.67
N LEU A 114 1.87 2.24 -12.46
CA LEU A 114 1.01 2.70 -11.34
C LEU A 114 1.46 4.09 -10.88
N GLU A 115 2.76 4.35 -10.79
CA GLU A 115 3.23 5.63 -10.19
C GLU A 115 2.73 6.84 -10.97
N PRO A 116 2.80 6.90 -12.32
CA PRO A 116 2.22 8.01 -13.07
C PRO A 116 0.73 8.24 -12.78
N ILE A 117 -0.05 7.17 -12.66
CA ILE A 117 -1.50 7.26 -12.30
C ILE A 117 -1.63 7.95 -10.93
N LEU A 118 -0.87 7.49 -9.93
CA LEU A 118 -0.90 8.14 -8.59
C LEU A 118 -0.44 9.58 -8.69
N ARG A 119 0.65 9.83 -9.42
CA ARG A 119 1.19 11.21 -9.56
C ARG A 119 0.09 12.10 -10.15
N ALA A 120 -0.58 11.63 -11.21
CA ALA A 120 -1.65 12.36 -11.91
C ALA A 120 -2.80 12.65 -10.92
N ARG A 121 -3.19 11.67 -10.13
CA ARG A 121 -4.34 11.86 -9.21
C ARG A 121 -3.96 12.84 -8.07
N ALA A 122 -2.75 12.76 -7.52
CA ALA A 122 -2.28 13.67 -6.47
C ALA A 122 -2.31 15.10 -7.01
N GLU A 123 -1.79 15.30 -8.24
CA GLU A 123 -1.76 16.64 -8.89
C GLU A 123 -3.21 17.13 -9.03
N GLU A 124 -4.10 16.30 -9.55
CA GLU A 124 -5.55 16.64 -9.71
C GLU A 124 -6.13 17.11 -8.37
N LEU A 125 -5.78 16.43 -7.30
CA LEU A 125 -6.36 16.71 -5.96
C LEU A 125 -5.66 17.90 -5.31
N GLY A 126 -4.57 18.43 -5.90
CA GLY A 126 -3.91 19.71 -5.51
C GLY A 126 -2.64 19.52 -4.69
N ALA A 127 -2.07 18.32 -4.63
CA ALA A 127 -0.72 18.08 -4.07
C ALA A 127 0.34 18.84 -4.87
N GLU A 128 1.31 19.42 -4.18
CA GLU A 128 2.50 20.05 -4.81
C GLU A 128 3.60 18.99 -4.89
N LEU A 129 3.90 18.51 -6.09
CA LEU A 129 4.95 17.48 -6.29
C LEU A 129 6.18 18.17 -6.87
N ARG A 130 7.30 18.09 -6.17
CA ARG A 130 8.56 18.72 -6.59
C ARG A 130 9.53 17.59 -6.91
N PHE A 131 9.70 17.29 -8.19
CA PHE A 131 10.72 16.33 -8.65
C PHE A 131 12.03 17.11 -8.81
N GLY A 132 13.15 16.40 -8.79
CA GLY A 132 14.49 17.00 -8.84
C GLY A 132 14.80 17.74 -7.56
N ALA A 133 14.10 17.43 -6.46
CA ALA A 133 14.21 18.15 -5.16
C ALA A 133 14.65 17.16 -4.08
N GLU A 134 15.78 17.43 -3.44
CA GLU A 134 16.44 16.52 -2.48
C GLU A 134 16.25 17.04 -1.05
N LEU A 135 15.69 16.24 -0.15
CA LEU A 135 15.75 16.55 1.30
C LEU A 135 17.21 16.41 1.73
N ARG A 136 17.83 17.49 2.20
CA ARG A 136 19.24 17.44 2.68
C ARG A 136 19.28 17.05 4.16
N SER A 137 18.41 17.66 4.95
CA SER A 137 18.35 17.46 6.42
C SER A 137 17.08 18.13 6.90
N PHE A 138 16.72 17.90 8.14
CA PHE A 138 15.55 18.54 8.77
C PHE A 138 15.82 18.66 10.27
N THR A 139 15.07 19.55 10.89
CA THR A 139 14.96 19.65 12.35
C THR A 139 13.47 19.62 12.66
N GLN A 140 13.11 19.30 13.88
CA GLN A 140 11.72 19.45 14.32
C GLN A 140 11.73 20.05 15.71
N ASP A 141 10.63 20.67 16.08
CA ASP A 141 10.44 21.34 17.39
C ASP A 141 9.03 21.00 17.83
N ALA A 142 8.56 21.64 18.88
CA ALA A 142 7.21 21.47 19.45
C ALA A 142 6.15 21.74 18.38
N ASP A 143 6.38 22.70 17.46
CA ASP A 143 5.34 23.27 16.56
C ASP A 143 5.42 22.75 15.11
N GLY A 144 6.46 22.02 14.71
CA GLY A 144 6.62 21.70 13.29
C GLY A 144 7.96 21.14 12.95
N VAL A 145 8.20 21.05 11.64
CA VAL A 145 9.40 20.44 11.02
C VAL A 145 9.94 21.46 10.01
N SER A 146 11.24 21.68 10.02
CA SER A 146 11.94 22.53 9.05
C SER A 146 12.89 21.64 8.26
N ALA A 147 12.61 21.53 6.97
CA ALA A 147 13.29 20.60 6.04
C ALA A 147 14.08 21.45 5.06
N VAL A 148 15.37 21.23 4.99
CA VAL A 148 16.23 21.84 3.93
C VAL A 148 16.06 21.01 2.66
N VAL A 149 15.58 21.67 1.60
CA VAL A 149 15.38 21.05 0.26
C VAL A 149 16.33 21.72 -0.73
N ARG A 150 17.12 20.92 -1.44
CA ARG A 150 17.99 21.38 -2.55
C ARG A 150 17.34 21.02 -3.89
N ASP A 151 16.94 22.05 -4.63
CA ASP A 151 16.24 21.97 -5.93
C ASP A 151 17.19 21.46 -7.02
N ALA A 152 16.65 21.33 -8.25
CA ALA A 152 17.34 20.77 -9.43
C ALA A 152 18.50 21.71 -9.84
N ASP A 153 18.37 23.00 -9.58
CA ASP A 153 19.37 24.06 -9.91
C ASP A 153 20.45 24.15 -8.81
N GLY A 154 20.44 23.28 -7.80
CA GLY A 154 21.35 23.31 -6.64
C GLY A 154 20.99 24.39 -5.62
N GLY A 155 19.89 25.12 -5.81
CA GLY A 155 19.37 26.12 -4.86
C GLY A 155 18.79 25.45 -3.62
N GLU A 156 18.97 26.06 -2.44
CA GLU A 156 18.36 25.50 -1.21
C GLU A 156 17.29 26.43 -0.70
N SER A 157 16.36 25.83 0.01
CA SER A 157 15.32 26.56 0.76
C SER A 157 14.88 25.67 1.91
N VAL A 158 14.19 26.26 2.87
CA VAL A 158 13.72 25.55 4.08
C VAL A 158 12.22 25.46 3.96
N VAL A 159 11.69 24.24 3.90
CA VAL A 159 10.22 23.99 3.91
C VAL A 159 9.80 23.78 5.37
N ARG A 160 8.80 24.53 5.83
CA ARG A 160 8.16 24.38 7.14
C ARG A 160 6.88 23.57 6.92
N ALA A 161 6.72 22.48 7.65
CA ALA A 161 5.53 21.61 7.62
C ALA A 161 5.12 21.32 9.07
N ASP A 162 3.89 20.89 9.28
CA ASP A 162 3.42 20.38 10.59
C ASP A 162 4.02 19.00 10.83
N TYR A 163 4.08 18.18 9.79
CA TYR A 163 4.54 16.79 9.87
C TYR A 163 5.34 16.49 8.62
N LEU A 164 6.19 15.50 8.75
CA LEU A 164 7.02 15.00 7.65
C LEU A 164 6.75 13.49 7.57
N VAL A 165 6.38 13.01 6.40
CA VAL A 165 6.23 11.56 6.16
C VAL A 165 7.49 11.15 5.40
N ALA A 166 8.24 10.23 5.97
CA ALA A 166 9.47 9.71 5.35
C ALA A 166 9.06 8.48 4.52
N ALA A 167 8.97 8.64 3.21
CA ALA A 167 8.74 7.54 2.22
C ALA A 167 9.98 7.48 1.31
N ASP A 168 11.15 7.54 1.93
CA ASP A 168 12.45 7.77 1.22
C ASP A 168 13.24 6.47 1.09
N GLY A 169 12.58 5.34 1.28
CA GLY A 169 13.09 4.03 0.83
C GLY A 169 14.02 3.38 1.85
N PRO A 170 14.62 2.21 1.51
CA PRO A 170 15.34 1.39 2.48
C PRO A 170 16.49 2.07 3.23
N ARG A 171 17.24 2.95 2.58
CA ARG A 171 18.38 3.68 3.19
C ARG A 171 17.95 5.06 3.66
N SER A 172 16.64 5.26 3.87
CA SER A 172 16.01 6.45 4.51
C SER A 172 17.00 7.27 5.35
N THR A 173 17.50 8.38 4.83
CA THR A 173 18.33 9.29 5.67
C THR A 173 17.45 9.89 6.79
N VAL A 174 16.13 9.94 6.65
CA VAL A 174 15.21 10.47 7.71
C VAL A 174 15.22 9.49 8.88
N ARG A 175 14.96 8.20 8.61
CA ARG A 175 14.95 7.19 9.68
C ARG A 175 16.29 7.25 10.42
N GLU A 176 17.40 7.29 9.70
CA GLU A 176 18.75 7.27 10.30
C GLU A 176 18.97 8.52 11.17
N ALA A 177 18.50 9.68 10.71
CA ALA A 177 18.67 10.96 11.42
C ALA A 177 17.83 10.93 12.69
N LEU A 178 16.73 10.18 12.73
CA LEU A 178 15.91 10.07 13.97
C LEU A 178 16.58 9.10 14.93
N GLY A 179 17.58 8.34 14.48
CA GLY A 179 18.21 7.31 15.32
C GLY A 179 17.29 6.12 15.54
N ILE A 180 16.36 5.87 14.62
CA ILE A 180 15.48 4.68 14.69
C ILE A 180 16.31 3.51 14.19
N GLY A 181 16.43 2.46 14.98
CA GLY A 181 17.10 1.24 14.51
C GLY A 181 16.13 0.33 13.78
N ARG A 182 16.66 -0.74 13.23
CA ARG A 182 15.88 -1.80 12.55
C ARG A 182 16.31 -3.16 13.08
N GLU A 183 15.39 -4.12 12.97
CA GLU A 183 15.60 -5.51 13.41
C GLU A 183 15.27 -6.38 12.21
N GLY A 184 15.71 -7.62 12.24
CA GLY A 184 15.28 -8.65 11.29
C GLY A 184 16.50 -9.35 10.73
N ARG A 185 16.29 -10.26 9.81
CA ARG A 185 17.33 -11.16 9.27
C ARG A 185 18.33 -10.36 8.45
N GLY A 186 18.01 -9.14 8.01
CA GLY A 186 18.96 -8.26 7.31
C GLY A 186 18.99 -8.52 5.80
N VAL A 187 20.08 -8.15 5.14
CA VAL A 187 20.23 -8.22 3.66
C VAL A 187 20.53 -9.66 3.29
N LEU A 188 19.73 -10.21 2.38
CA LEU A 188 19.85 -11.60 1.89
C LEU A 188 20.69 -11.60 0.62
N SER A 189 20.45 -10.68 -0.31
CA SER A 189 21.25 -10.61 -1.55
C SER A 189 21.16 -9.21 -2.14
N ARG A 190 22.17 -8.86 -2.94
CA ARG A 190 22.31 -7.51 -3.49
C ARG A 190 22.09 -7.64 -4.99
N HIS A 191 21.29 -6.74 -5.54
CA HIS A 191 20.90 -6.77 -6.98
C HIS A 191 21.02 -5.37 -7.58
N VAL A 192 21.06 -5.37 -8.91
CA VAL A 192 21.00 -4.18 -9.76
C VAL A 192 19.90 -4.41 -10.79
N SER A 193 18.99 -3.46 -10.90
CA SER A 193 17.94 -3.41 -11.92
C SER A 193 18.42 -2.51 -13.04
N ILE A 194 18.55 -3.09 -14.24
CA ILE A 194 19.00 -2.36 -15.46
C ILE A 194 17.81 -2.18 -16.40
N ALA A 195 17.35 -0.95 -16.54
CA ALA A 195 16.24 -0.62 -17.46
C ALA A 195 16.84 -0.24 -18.83
N PHE A 196 16.23 -0.75 -19.89
CA PHE A 196 16.68 -0.46 -21.26
C PHE A 196 15.50 -0.44 -22.22
N GLY A 197 15.72 0.21 -23.37
CA GLY A 197 14.84 0.10 -24.52
C GLY A 197 15.39 -0.92 -25.49
N ALA A 198 14.52 -1.69 -26.09
CA ALA A 198 14.91 -2.66 -27.11
C ALA A 198 13.69 -3.05 -27.92
N ASP A 199 13.95 -3.56 -29.11
CA ASP A 199 12.93 -4.11 -30.02
C ASP A 199 12.65 -5.56 -29.63
N PHE A 200 11.82 -5.73 -28.60
CA PHE A 200 11.49 -7.09 -28.09
C PHE A 200 10.73 -7.92 -29.11
N ALA A 201 9.81 -7.32 -29.89
CA ALA A 201 8.92 -8.04 -30.81
C ALA A 201 9.80 -8.87 -31.75
N ALA A 202 10.94 -8.33 -32.18
CA ALA A 202 11.85 -8.98 -33.16
C ALA A 202 12.43 -10.24 -32.55
N VAL A 203 12.61 -10.34 -31.23
CA VAL A 203 13.16 -11.61 -30.64
C VAL A 203 12.05 -12.46 -30.04
N LEU A 204 10.97 -11.84 -29.58
CA LEU A 204 9.84 -12.59 -28.99
C LEU A 204 9.00 -13.30 -30.06
N GLY A 205 8.77 -12.67 -31.22
CA GLY A 205 7.77 -13.17 -32.17
C GLY A 205 6.43 -13.09 -31.47
N GLU A 206 5.72 -14.21 -31.31
CA GLU A 206 4.38 -14.22 -30.66
C GLU A 206 4.49 -14.42 -29.14
N ARG A 207 5.69 -14.74 -28.62
CA ARG A 207 5.88 -15.12 -27.20
C ARG A 207 5.66 -13.86 -26.34
N ARG A 208 4.91 -14.01 -25.26
CA ARG A 208 4.74 -12.96 -24.22
C ARG A 208 5.03 -13.60 -22.87
N TYR A 209 5.97 -13.02 -22.12
CA TYR A 209 6.41 -13.55 -20.81
C TYR A 209 5.97 -12.62 -19.67
N SER A 210 5.62 -13.19 -18.52
CA SER A 210 5.54 -12.46 -17.22
C SER A 210 6.97 -12.17 -16.74
N VAL A 211 7.74 -13.24 -16.56
CA VAL A 211 9.14 -13.16 -16.07
C VAL A 211 9.95 -14.26 -16.77
N VAL A 212 11.18 -13.91 -17.11
CA VAL A 212 12.14 -14.82 -17.78
C VAL A 212 13.37 -14.92 -16.88
N HIS A 213 13.75 -16.13 -16.49
CA HIS A 213 15.03 -16.42 -15.79
C HIS A 213 16.08 -16.65 -16.89
N VAL A 214 17.09 -15.80 -16.94
CA VAL A 214 18.23 -15.89 -17.91
C VAL A 214 19.42 -16.50 -17.20
N GLN A 215 20.02 -17.53 -17.80
CA GLN A 215 21.28 -18.11 -17.28
C GLN A 215 22.10 -18.58 -18.47
N ASN A 216 23.21 -17.91 -18.73
CA ASN A 216 24.25 -18.33 -19.68
C ASN A 216 25.59 -17.95 -19.04
N ASP A 217 26.69 -18.24 -19.72
CA ASP A 217 28.05 -18.03 -19.17
C ASP A 217 28.31 -16.57 -18.83
N ARG A 218 27.57 -15.63 -19.41
CA ARG A 218 27.94 -14.19 -19.29
C ARG A 218 26.96 -13.43 -18.40
N VAL A 219 25.81 -14.03 -18.08
CA VAL A 219 24.80 -13.33 -17.25
C VAL A 219 23.82 -14.34 -16.69
N THR A 220 23.46 -14.08 -15.45
CA THR A 220 22.35 -14.71 -14.73
C THR A 220 21.48 -13.58 -14.21
N GLY A 221 20.20 -13.63 -14.47
CA GLY A 221 19.30 -12.66 -13.80
C GLY A 221 17.88 -12.82 -14.27
N ILE A 222 17.06 -11.84 -13.92
CA ILE A 222 15.61 -11.89 -14.23
C ILE A 222 15.34 -10.80 -15.25
N LEU A 223 14.75 -11.20 -16.36
CA LEU A 223 14.42 -10.35 -17.53
C LEU A 223 12.90 -10.19 -17.57
N VAL A 224 12.45 -8.94 -17.70
CA VAL A 224 11.03 -8.64 -18.01
C VAL A 224 10.92 -7.68 -19.20
N HIS A 225 9.87 -7.87 -19.96
CA HIS A 225 9.51 -6.92 -21.04
C HIS A 225 8.16 -6.30 -20.73
N ASP A 226 7.96 -5.08 -21.15
CA ASP A 226 6.67 -4.40 -20.93
C ASP A 226 5.64 -4.83 -22.00
N ASP A 227 4.45 -4.25 -21.90
CA ASP A 227 3.28 -4.56 -22.74
C ASP A 227 3.54 -4.10 -24.17
N THR A 228 4.24 -2.98 -24.40
CA THR A 228 4.47 -2.39 -25.73
C THR A 228 5.56 -3.16 -26.49
N LEU A 229 6.32 -3.98 -25.78
CA LEU A 229 7.50 -4.73 -26.27
C LEU A 229 8.60 -3.73 -26.64
N THR A 230 8.70 -2.58 -25.97
CA THR A 230 9.76 -1.62 -26.29
C THR A 230 10.67 -1.42 -25.08
N GLU A 231 10.22 -1.84 -23.89
CA GLU A 231 10.96 -1.52 -22.65
C GLU A 231 11.21 -2.83 -21.93
N GLY A 232 12.40 -2.96 -21.35
CA GLY A 232 12.70 -4.11 -20.49
C GLY A 232 13.56 -3.72 -19.32
N THR A 233 13.73 -4.72 -18.47
CA THR A 233 14.52 -4.63 -17.24
C THR A 233 15.21 -5.96 -17.05
N LEU A 234 16.48 -5.90 -16.70
CA LEU A 234 17.28 -7.10 -16.35
C LEU A 234 17.74 -6.85 -14.92
N ILE A 235 17.35 -7.73 -14.02
CA ILE A 235 17.75 -7.66 -12.59
C ILE A 235 18.83 -8.71 -12.38
N VAL A 236 20.03 -8.27 -12.03
CA VAL A 236 21.20 -9.18 -11.83
C VAL A 236 21.74 -9.03 -10.39
N GLY A 237 22.24 -10.13 -9.84
CA GLY A 237 22.93 -10.15 -8.54
C GLY A 237 24.36 -9.69 -8.68
N TYR A 238 24.95 -9.16 -7.63
CA TYR A 238 26.42 -9.12 -7.53
C TYR A 238 26.80 -9.63 -6.15
N ASP A 239 28.05 -10.08 -6.05
CA ASP A 239 28.59 -10.73 -4.84
C ASP A 239 29.65 -9.85 -4.22
N PRO A 240 29.34 -9.15 -3.10
CA PRO A 240 30.31 -8.30 -2.40
C PRO A 240 31.53 -9.08 -1.87
N GLU A 241 31.42 -10.39 -1.65
CA GLU A 241 32.59 -11.14 -1.11
C GLU A 241 33.53 -11.54 -2.25
N LYS A 242 33.23 -11.13 -3.50
CA LYS A 242 34.18 -11.12 -4.62
C LYS A 242 34.67 -9.68 -4.82
N GLY A 243 34.21 -8.76 -3.96
CA GLY A 243 34.58 -7.34 -4.04
C GLY A 243 33.84 -6.60 -5.14
N GLU A 244 32.82 -7.23 -5.75
CA GLU A 244 31.91 -6.59 -6.77
C GLU A 244 31.04 -5.57 -6.05
N GLY A 245 30.62 -4.53 -6.76
CA GLY A 245 29.77 -3.48 -6.19
C GLY A 245 28.92 -2.84 -7.26
N LEU A 246 28.02 -1.96 -6.84
CA LEU A 246 27.18 -1.17 -7.76
C LEU A 246 28.07 -0.46 -8.77
N ASP A 247 29.26 -0.01 -8.37
CA ASP A 247 30.08 0.86 -9.25
C ASP A 247 30.67 0.02 -10.40
N ASP A 248 30.59 -1.30 -10.35
CA ASP A 248 30.98 -2.19 -11.48
C ASP A 248 29.93 -2.18 -12.60
N PHE A 249 28.72 -1.74 -12.30
CA PHE A 249 27.61 -1.65 -13.29
C PHE A 249 27.72 -0.32 -14.05
N THR A 250 28.78 -0.20 -14.83
CA THR A 250 29.01 0.96 -15.72
C THR A 250 28.03 0.83 -16.88
N ASP A 251 27.86 1.92 -17.61
CA ASP A 251 27.14 2.02 -18.89
C ASP A 251 27.55 0.85 -19.78
N ALA A 252 28.84 0.65 -20.04
CA ALA A 252 29.31 -0.43 -20.93
C ALA A 252 28.93 -1.78 -20.34
N ARG A 253 29.13 -1.96 -19.03
CA ARG A 253 28.87 -3.27 -18.36
C ARG A 253 27.35 -3.58 -18.44
N CYS A 254 26.51 -2.58 -18.25
CA CYS A 254 25.04 -2.79 -18.36
C CYS A 254 24.67 -3.23 -19.77
N ALA A 255 25.26 -2.61 -20.80
CA ALA A 255 25.01 -2.92 -22.23
C ALA A 255 25.44 -4.36 -22.50
N GLU A 256 26.57 -4.78 -21.91
CA GLU A 256 27.07 -6.18 -22.10
C GLU A 256 26.08 -7.17 -21.47
N LEU A 257 25.63 -6.90 -20.27
CA LEU A 257 24.72 -7.84 -19.54
C LEU A 257 23.42 -7.98 -20.34
N VAL A 258 22.82 -6.87 -20.76
CA VAL A 258 21.51 -6.89 -21.50
C VAL A 258 21.68 -7.65 -22.81
N SER A 259 22.71 -7.33 -23.60
CA SER A 259 22.94 -8.01 -24.90
C SER A 259 23.14 -9.51 -24.64
N ALA A 260 23.84 -9.89 -23.59
CA ALA A 260 24.03 -11.32 -23.21
C ALA A 260 22.69 -11.95 -22.83
N ALA A 261 21.80 -11.21 -22.17
CA ALA A 261 20.47 -11.70 -21.75
C ALA A 261 19.56 -11.85 -22.99
N ILE A 262 19.66 -10.95 -23.97
CA ILE A 262 18.79 -10.96 -25.19
C ILE A 262 19.28 -12.09 -26.09
N GLY A 263 20.59 -12.10 -26.33
CA GLY A 263 21.30 -13.11 -27.13
C GLY A 263 21.14 -12.91 -28.62
N SER A 264 20.99 -11.68 -29.13
CA SER A 264 20.79 -11.44 -30.59
C SER A 264 21.87 -10.52 -31.18
N ASP A 265 22.16 -9.38 -30.55
CA ASP A 265 23.16 -8.38 -31.01
C ASP A 265 22.64 -7.60 -32.22
N ASP A 266 21.79 -8.18 -33.08
CA ASP A 266 21.05 -7.38 -34.09
C ASP A 266 20.08 -6.43 -33.37
N VAL A 267 19.60 -6.78 -32.17
CA VAL A 267 18.68 -5.90 -31.41
C VAL A 267 19.50 -4.73 -30.86
N ALA A 268 19.09 -3.51 -31.16
CA ALA A 268 19.69 -2.28 -30.62
C ALA A 268 19.17 -2.05 -29.19
N VAL A 269 20.05 -1.96 -28.22
CA VAL A 269 19.69 -1.77 -26.78
C VAL A 269 20.05 -0.33 -26.42
N THR A 270 19.15 0.40 -25.79
CA THR A 270 19.47 1.70 -25.16
C THR A 270 19.34 1.53 -23.64
N ILE A 271 20.44 1.58 -22.90
CA ILE A 271 20.41 1.51 -21.40
C ILE A 271 19.81 2.82 -20.91
N ARG A 272 18.75 2.75 -20.12
CA ARG A 272 18.09 3.93 -19.54
C ARG A 272 18.72 4.30 -18.21
N SER A 273 18.90 3.34 -17.32
CA SER A 273 19.32 3.57 -15.92
C SER A 273 19.48 2.23 -15.22
N ARG A 274 20.25 2.28 -14.13
CA ARG A 274 20.56 1.12 -13.27
C ARG A 274 20.25 1.59 -11.85
N PHE A 275 19.49 0.83 -11.09
CA PHE A 275 19.31 1.11 -9.64
C PHE A 275 19.65 -0.12 -8.83
N PRO A 276 20.26 0.08 -7.64
CA PRO A 276 20.52 -1.01 -6.71
C PRO A 276 19.19 -1.39 -6.06
N TRP A 277 19.07 -2.65 -5.78
CA TRP A 277 17.96 -3.16 -4.96
C TRP A 277 18.43 -4.40 -4.19
N ASP A 278 18.15 -4.43 -2.89
CA ASP A 278 18.49 -5.59 -2.03
C ASP A 278 17.24 -6.37 -1.67
N MET A 279 17.37 -7.69 -1.66
CA MET A 279 16.40 -8.55 -0.98
C MET A 279 16.80 -8.55 0.51
N ALA A 280 15.91 -8.10 1.40
CA ALA A 280 16.26 -7.81 2.79
C ALA A 280 15.00 -7.96 3.63
N GLU A 281 15.22 -8.30 4.91
CA GLU A 281 14.16 -8.36 5.93
C GLU A 281 14.60 -7.46 7.06
N LEU A 282 14.18 -6.21 7.03
CA LEU A 282 14.59 -5.22 8.04
C LEU A 282 13.41 -4.32 8.37
N VAL A 283 13.07 -4.18 9.64
CA VAL A 283 11.88 -3.38 10.05
C VAL A 283 12.27 -2.42 11.15
N ALA A 284 11.86 -1.18 11.00
CA ALA A 284 12.13 -0.07 11.94
C ALA A 284 11.48 -0.41 13.29
N ASP A 285 12.19 -0.07 14.36
CA ASP A 285 11.81 -0.29 15.77
C ASP A 285 10.63 0.61 16.15
N ALA A 286 10.48 1.71 15.45
CA ALA A 286 9.40 2.70 15.65
C ALA A 286 9.06 3.33 14.31
N PHE A 287 7.77 3.56 14.02
CA PHE A 287 7.33 4.20 12.76
C PHE A 287 6.97 5.66 13.01
N VAL A 288 6.97 6.14 14.26
CA VAL A 288 6.63 7.56 14.54
C VAL A 288 7.71 8.09 15.47
N SER A 289 8.22 9.27 15.19
CA SER A 289 9.15 9.97 16.09
C SER A 289 8.73 11.42 16.14
N ASP A 290 7.97 11.80 17.15
CA ASP A 290 7.46 13.18 17.30
C ASP A 290 6.66 13.52 16.06
N ARG A 291 7.16 14.37 15.15
CA ARG A 291 6.36 14.87 14.01
C ARG A 291 6.80 14.19 12.71
N VAL A 292 7.55 13.10 12.82
CA VAL A 292 8.01 12.35 11.64
C VAL A 292 7.34 10.99 11.66
N LEU A 293 6.70 10.63 10.55
CA LEU A 293 6.11 9.29 10.37
C LEU A 293 6.95 8.58 9.31
N VAL A 294 7.23 7.31 9.50
CA VAL A 294 8.10 6.55 8.57
C VAL A 294 7.17 5.51 7.92
N ALA A 295 7.21 5.42 6.60
CA ALA A 295 6.28 4.53 5.85
C ALA A 295 7.03 3.82 4.74
N GLY A 296 6.46 2.70 4.30
CA GLY A 296 6.99 1.99 3.14
C GLY A 296 8.31 1.34 3.45
N ASP A 297 9.21 1.34 2.46
CA ASP A 297 10.50 0.63 2.59
C ASP A 297 11.36 1.22 3.71
N ALA A 298 11.22 2.51 4.01
CA ALA A 298 11.95 3.16 5.12
C ALA A 298 11.55 2.51 6.45
N ALA A 299 10.31 2.03 6.58
CA ALA A 299 9.78 1.36 7.78
C ALA A 299 9.99 -0.14 7.69
N HIS A 300 9.96 -0.72 6.49
CA HIS A 300 10.09 -2.19 6.38
C HIS A 300 10.66 -2.58 5.02
N GLN A 301 11.81 -3.22 5.03
CA GLN A 301 12.28 -3.93 3.81
C GLN A 301 11.76 -5.34 3.92
N ILE A 302 11.03 -5.77 2.92
CA ILE A 302 10.32 -7.07 2.92
C ILE A 302 10.85 -7.89 1.76
N PRO A 303 11.25 -9.16 1.96
CA PRO A 303 11.75 -9.95 0.84
C PRO A 303 10.68 -9.94 -0.25
N PRO A 304 11.08 -9.91 -1.54
CA PRO A 304 10.15 -9.68 -2.65
C PRO A 304 9.19 -10.82 -2.99
N THR A 305 9.38 -12.01 -2.45
CA THR A 305 8.59 -13.21 -2.86
C THR A 305 7.15 -13.02 -2.35
N GLY A 306 6.18 -12.91 -3.26
CA GLY A 306 4.79 -12.56 -2.92
C GLY A 306 4.48 -11.08 -3.18
N GLY A 307 5.49 -10.28 -3.47
CA GLY A 307 5.40 -8.81 -3.59
C GLY A 307 4.61 -8.18 -2.44
N TYR A 308 4.89 -8.52 -1.18
CA TYR A 308 4.10 -7.94 -0.05
C TYR A 308 4.55 -6.51 0.23
N GLY A 309 5.80 -6.18 -0.05
CA GLY A 309 6.41 -4.90 0.36
C GLY A 309 5.61 -3.71 -0.17
N ALA A 310 5.36 -3.69 -1.50
CA ALA A 310 4.70 -2.56 -2.16
C ALA A 310 3.28 -2.45 -1.61
N ASN A 311 2.65 -3.59 -1.38
CA ASN A 311 1.24 -3.65 -0.88
C ASN A 311 1.19 -3.09 0.55
N THR A 312 2.19 -3.44 1.35
CA THR A 312 2.28 -3.08 2.78
C THR A 312 2.49 -1.57 2.85
N GLY A 313 3.32 -1.03 1.98
CA GLY A 313 3.59 0.43 1.99
C GLY A 313 2.36 1.25 1.60
N ILE A 314 1.57 0.82 0.61
CA ILE A 314 0.34 1.55 0.21
C ILE A 314 -0.60 1.52 1.43
N ALA A 315 -0.70 0.38 2.09
CA ALA A 315 -1.56 0.25 3.29
C ALA A 315 -1.04 1.16 4.44
N ASP A 316 0.29 1.34 4.58
CA ASP A 316 0.82 2.32 5.56
C ASP A 316 0.33 3.74 5.22
N ALA A 317 0.45 4.15 3.95
CA ALA A 317 0.04 5.49 3.48
C ALA A 317 -1.44 5.70 3.80
N PHE A 318 -2.23 4.65 3.61
CA PHE A 318 -3.69 4.70 3.77
C PHE A 318 -4.06 4.85 5.25
N ASN A 319 -3.35 4.14 6.11
CA ASN A 319 -3.54 4.18 7.57
C ASN A 319 -3.23 5.59 8.08
N LEU A 320 -2.12 6.19 7.67
CA LEU A 320 -1.62 7.43 8.33
C LEU A 320 -2.30 8.69 7.80
N SER A 321 -2.80 8.65 6.57
CA SER A 321 -3.20 9.88 5.82
C SER A 321 -4.44 10.49 6.46
N TRP A 322 -5.49 9.70 6.69
CA TRP A 322 -6.70 10.27 7.32
C TRP A 322 -6.40 10.73 8.74
N LYS A 323 -5.49 10.06 9.43
CA LYS A 323 -5.09 10.40 10.80
C LYS A 323 -4.45 11.78 10.85
N LEU A 324 -3.49 12.05 9.95
CA LEU A 324 -2.89 13.40 9.80
C LEU A 324 -4.00 14.40 9.49
N ALA A 325 -4.96 14.06 8.62
CA ALA A 325 -6.03 14.98 8.20
C ALA A 325 -6.80 15.41 9.45
N HIS A 326 -7.15 14.45 10.30
CA HIS A 326 -7.98 14.72 11.52
C HIS A 326 -7.15 15.47 12.54
N VAL A 327 -5.88 15.13 12.67
CA VAL A 327 -5.01 15.85 13.63
C VAL A 327 -4.89 17.30 13.16
N LEU A 328 -4.64 17.51 11.87
CA LEU A 328 -4.39 18.87 11.31
C LEU A 328 -5.67 19.70 11.35
N ALA A 329 -6.84 19.07 11.23
CA ALA A 329 -8.18 19.72 11.34
C ALA A 329 -8.53 20.05 12.79
N GLY A 330 -7.78 19.54 13.77
CA GLY A 330 -8.12 19.69 15.19
C GLY A 330 -9.32 18.82 15.58
N THR A 331 -9.69 17.80 14.78
CA THR A 331 -10.80 16.88 15.13
C THR A 331 -10.25 15.70 15.93
N ALA A 332 -8.93 15.50 15.93
CA ALA A 332 -8.24 14.43 16.68
C ALA A 332 -7.09 15.04 17.46
N GLY A 333 -6.84 14.43 18.63
CA GLY A 333 -5.61 14.62 19.40
C GLY A 333 -4.42 14.10 18.61
N ARG A 334 -3.27 14.71 18.85
CA ARG A 334 -2.01 14.32 18.20
C ARG A 334 -1.68 12.86 18.54
N ALA A 335 -2.14 12.33 19.67
CA ALA A 335 -1.89 10.91 20.02
C ALA A 335 -2.50 10.00 18.96
N LEU A 336 -3.44 10.45 18.12
CA LEU A 336 -3.99 9.55 17.09
C LEU A 336 -2.85 9.10 16.16
N LEU A 337 -1.84 9.93 15.96
CA LEU A 337 -0.75 9.56 15.02
C LEU A 337 0.03 8.37 15.58
N ASP A 338 0.16 8.27 16.89
CA ASP A 338 0.92 7.14 17.49
C ASP A 338 0.27 5.80 17.12
N THR A 339 -1.04 5.79 16.87
CA THR A 339 -1.74 4.54 16.47
C THR A 339 -1.27 4.09 15.08
N TYR A 340 -0.70 4.98 14.27
CA TYR A 340 -0.05 4.51 13.02
C TYR A 340 1.05 3.48 13.36
N ASP A 341 1.97 3.84 14.25
CA ASP A 341 2.95 2.88 14.84
C ASP A 341 2.25 1.67 15.45
N GLU A 342 1.24 1.88 16.29
CA GLU A 342 0.61 0.75 17.00
C GLU A 342 0.06 -0.30 16.02
N GLU A 343 -0.63 0.16 14.98
CA GLU A 343 -1.36 -0.68 13.99
C GLU A 343 -0.36 -1.23 12.97
N ARG A 344 0.49 -0.38 12.42
CA ARG A 344 1.23 -0.75 11.19
C ARG A 344 2.56 -1.43 11.51
N ARG A 345 3.21 -1.13 12.63
CA ARG A 345 4.54 -1.74 12.92
C ARG A 345 4.38 -3.24 13.07
N PRO A 346 3.41 -3.76 13.85
CA PRO A 346 3.29 -5.20 13.98
C PRO A 346 2.98 -5.87 12.63
N VAL A 347 2.19 -5.19 11.80
CA VAL A 347 1.84 -5.70 10.44
C VAL A 347 3.13 -5.70 9.61
N GLY A 348 3.93 -4.65 9.71
CA GLY A 348 5.19 -4.56 8.98
C GLY A 348 6.15 -5.70 9.31
N LEU A 349 6.31 -5.98 10.60
CA LEU A 349 7.27 -6.99 11.07
C LEU A 349 6.72 -8.36 10.68
N TYR A 350 5.43 -8.59 10.90
CA TYR A 350 4.77 -9.86 10.50
C TYR A 350 4.92 -10.08 8.98
N THR A 351 4.70 -9.03 8.18
CA THR A 351 4.74 -9.15 6.71
C THR A 351 6.18 -9.42 6.24
N ALA A 352 7.16 -8.71 6.76
CA ALA A 352 8.59 -8.97 6.46
C ALA A 352 8.91 -10.45 6.73
N ARG A 353 8.42 -11.02 7.84
CA ARG A 353 8.66 -12.45 8.17
C ARG A 353 7.92 -13.36 7.20
N GLN A 354 6.73 -12.95 6.73
CA GLN A 354 5.93 -13.73 5.76
C GLN A 354 6.70 -13.71 4.43
N GLY A 355 7.26 -12.55 4.07
CA GLY A 355 8.15 -12.44 2.89
C GLY A 355 9.31 -13.40 2.96
N SER A 356 9.93 -13.51 4.13
CA SER A 356 11.07 -14.44 4.35
C SER A 356 10.59 -15.88 4.21
N LEU A 357 9.44 -16.22 4.79
CA LEU A 357 8.87 -17.59 4.60
C LEU A 357 8.66 -17.86 3.13
N GLN A 358 8.06 -16.93 2.39
CA GLN A 358 7.72 -17.17 0.96
C GLN A 358 9.02 -17.39 0.16
N LEU A 359 10.03 -16.58 0.42
CA LEU A 359 11.33 -16.75 -0.27
C LEU A 359 11.88 -18.17 0.01
N ALA A 360 11.78 -18.65 1.25
CA ALA A 360 12.30 -19.97 1.65
C ALA A 360 11.49 -21.04 0.92
N VAL A 361 10.16 -20.95 0.97
CA VAL A 361 9.26 -21.93 0.30
C VAL A 361 9.56 -21.94 -1.20
N ARG A 362 9.61 -20.78 -1.85
CA ARG A 362 9.85 -20.58 -3.31
C ARG A 362 11.22 -21.14 -3.71
N SER A 363 12.25 -20.93 -2.91
CA SER A 363 13.65 -21.33 -3.24
C SER A 363 13.85 -22.83 -2.95
N ARG A 364 12.82 -23.50 -2.40
CA ARG A 364 12.78 -24.95 -2.07
C ARG A 364 13.83 -25.23 -0.99
N THR A 365 13.97 -24.32 -0.02
CA THR A 365 14.87 -24.50 1.13
C THR A 365 14.06 -24.41 2.43
N ALA A 366 12.73 -24.43 2.38
CA ALA A 366 11.91 -24.27 3.61
C ALA A 366 11.88 -25.55 4.44
N THR A 367 11.83 -25.37 5.76
CA THR A 367 11.45 -26.43 6.73
C THR A 367 9.95 -26.66 6.60
N GLU A 368 9.48 -27.80 7.06
CA GLU A 368 8.02 -28.06 7.15
C GLU A 368 7.34 -27.01 8.06
N GLU A 369 8.05 -26.51 9.08
CA GLU A 369 7.52 -25.51 10.02
C GLU A 369 7.37 -24.18 9.29
N GLN A 370 8.34 -23.83 8.44
CA GLN A 370 8.24 -22.61 7.61
C GLN A 370 7.03 -22.75 6.66
N ARG A 371 6.81 -23.90 6.05
CA ARG A 371 5.61 -24.09 5.18
C ARG A 371 4.35 -23.96 6.03
N GLU A 372 4.32 -24.49 7.24
CA GLU A 372 3.11 -24.41 8.13
C GLU A 372 2.84 -22.95 8.51
N ALA A 373 3.88 -22.14 8.64
CA ALA A 373 3.79 -20.75 9.14
C ALA A 373 3.36 -19.80 8.00
N ALA A 374 3.57 -20.18 6.74
CA ALA A 374 3.36 -19.31 5.55
C ALA A 374 1.85 -19.12 5.33
N HIS A 375 1.40 -17.88 5.36
CA HIS A 375 -0.03 -17.55 5.13
C HIS A 375 -0.31 -17.23 3.67
N ASP A 376 -1.52 -17.53 3.22
CA ASP A 376 -2.11 -17.05 1.93
C ASP A 376 -1.89 -15.52 1.85
N ALA A 377 -1.61 -14.98 0.67
CA ALA A 377 -1.47 -13.53 0.44
C ALA A 377 -2.77 -12.82 0.83
N MET A 378 -3.92 -13.47 0.71
CA MET A 378 -5.21 -12.82 1.08
C MET A 378 -5.28 -12.67 2.60
N ARG A 379 -4.80 -13.64 3.35
CA ARG A 379 -4.70 -13.51 4.82
C ARG A 379 -3.70 -12.42 5.19
N VAL A 380 -2.52 -12.43 4.57
CA VAL A 380 -1.44 -11.45 4.89
C VAL A 380 -1.95 -10.04 4.64
N THR A 381 -2.64 -9.76 3.49
CA THR A 381 -3.00 -8.39 3.07
C THR A 381 -4.42 -7.95 3.41
N MET A 382 -5.35 -8.88 3.62
CA MET A 382 -6.78 -8.50 3.86
C MET A 382 -7.26 -8.98 5.24
N GLY A 383 -6.53 -9.90 5.90
CA GLY A 383 -7.02 -10.53 7.13
C GLY A 383 -6.50 -9.89 8.41
N GLN A 384 -5.99 -8.67 8.37
CA GLN A 384 -5.34 -8.06 9.55
C GLN A 384 -6.38 -7.71 10.61
N ALA A 385 -6.01 -7.94 11.86
CA ALA A 385 -6.71 -7.40 13.04
C ALA A 385 -5.65 -6.66 13.84
N TYR A 386 -5.72 -5.34 13.88
CA TYR A 386 -4.68 -4.55 14.59
C TYR A 386 -4.75 -4.90 16.07
N PRO A 387 -3.60 -5.07 16.76
CA PRO A 387 -3.59 -5.52 18.14
C PRO A 387 -4.22 -4.47 19.06
N SER A 388 -4.03 -3.21 18.71
CA SER A 388 -4.56 -2.04 19.45
C SER A 388 -4.40 -0.86 18.50
N GLY A 389 -5.06 0.25 18.78
CA GLY A 389 -4.94 1.50 18.04
C GLY A 389 -6.22 2.29 18.12
N ALA A 390 -6.64 2.88 17.01
CA ALA A 390 -7.75 3.85 16.89
C ALA A 390 -9.05 3.06 16.62
N PHE A 391 -9.40 2.24 17.58
CA PHE A 391 -10.67 1.49 17.60
C PHE A 391 -10.93 1.05 19.02
N VAL A 392 -12.17 0.67 19.28
CA VAL A 392 -12.62 0.19 20.62
C VAL A 392 -13.02 -1.26 20.48
N ALA A 393 -12.34 -2.16 21.19
CA ALA A 393 -12.60 -3.61 21.04
C ALA A 393 -13.95 -3.92 21.67
N ASP A 394 -14.58 -5.03 21.26
CA ASP A 394 -15.82 -5.59 21.84
C ASP A 394 -15.53 -6.20 23.22
N ALA A 395 -16.16 -5.70 24.29
CA ALA A 395 -16.22 -6.36 25.61
C ALA A 395 -16.48 -7.86 25.38
N GLY A 396 -15.86 -8.71 26.21
CA GLY A 396 -16.06 -10.17 26.26
C GLY A 396 -15.46 -10.91 25.06
N ALA A 397 -15.37 -10.26 23.89
CA ALA A 397 -14.96 -10.87 22.60
C ALA A 397 -13.54 -11.43 22.71
N ASP A 398 -13.33 -12.66 22.23
CA ASP A 398 -11.97 -13.24 22.09
C ASP A 398 -11.26 -12.35 21.08
N PRO A 399 -10.18 -11.66 21.47
CA PRO A 399 -9.41 -10.89 20.49
C PRO A 399 -8.99 -11.83 19.34
N LEU A 400 -8.78 -11.25 18.17
CA LEU A 400 -8.31 -12.00 16.98
C LEU A 400 -6.78 -12.00 17.01
N PRO A 401 -6.12 -13.02 16.43
CA PRO A 401 -4.70 -12.89 16.06
C PRO A 401 -4.46 -11.81 15.00
N LEU A 402 -3.19 -11.46 14.76
CA LEU A 402 -2.81 -10.35 13.84
C LEU A 402 -3.40 -10.56 12.44
N THR A 403 -3.43 -11.80 11.98
CA THR A 403 -4.10 -12.10 10.70
C THR A 403 -4.91 -13.39 10.84
N SER A 404 -5.96 -13.46 10.06
CA SER A 404 -6.90 -14.60 9.94
C SER A 404 -7.28 -14.73 8.47
N ASP A 405 -7.79 -15.88 8.09
CA ASP A 405 -8.57 -16.03 6.85
C ASP A 405 -9.61 -14.91 6.81
N PRO A 406 -9.53 -14.00 5.82
CA PRO A 406 -10.39 -12.81 5.80
C PRO A 406 -11.86 -13.18 5.57
N ARG A 407 -12.11 -14.38 5.06
CA ARG A 407 -13.49 -14.88 4.87
C ARG A 407 -14.17 -15.10 6.22
N THR A 408 -13.40 -15.27 7.31
CA THR A 408 -13.90 -15.59 8.67
C THR A 408 -14.16 -14.29 9.45
N LEU A 409 -13.73 -13.13 8.93
CA LEU A 409 -13.88 -11.86 9.68
C LEU A 409 -15.34 -11.42 9.58
N ARG A 410 -15.85 -10.87 10.68
CA ARG A 410 -17.28 -10.48 10.82
C ARG A 410 -17.39 -9.13 11.50
N GLY A 411 -16.60 -8.15 11.08
CA GLY A 411 -16.76 -6.73 11.48
C GLY A 411 -16.11 -6.40 12.81
N GLU A 412 -15.19 -7.24 13.27
CA GLU A 412 -14.46 -6.99 14.54
C GLU A 412 -13.78 -5.64 14.43
N PRO A 413 -13.90 -4.78 15.47
CA PRO A 413 -13.11 -3.55 15.51
C PRO A 413 -11.60 -3.81 15.31
N GLY A 414 -10.95 -3.05 14.44
CA GLY A 414 -9.53 -3.28 14.09
C GLY A 414 -9.36 -4.13 12.87
N THR A 415 -10.46 -4.52 12.22
CA THR A 415 -10.41 -5.27 10.93
C THR A 415 -11.15 -4.49 9.86
N ARG A 416 -10.96 -4.92 8.61
CA ARG A 416 -11.62 -4.41 7.38
C ARG A 416 -13.13 -4.63 7.53
N ALA A 417 -13.89 -3.55 7.57
CA ALA A 417 -15.36 -3.57 7.45
C ALA A 417 -15.71 -4.42 6.22
N PRO A 418 -16.51 -5.50 6.43
CA PRO A 418 -16.75 -6.48 5.38
C PRO A 418 -17.45 -5.93 4.13
N TYR A 419 -17.18 -6.59 3.03
CA TYR A 419 -17.73 -6.31 1.68
C TYR A 419 -19.11 -6.94 1.61
N VAL A 420 -20.11 -6.10 1.50
CA VAL A 420 -21.50 -6.58 1.31
C VAL A 420 -22.03 -5.90 0.06
N VAL A 421 -22.58 -6.68 -0.87
CA VAL A 421 -23.13 -6.16 -2.15
C VAL A 421 -24.46 -5.47 -1.84
N LEU A 422 -24.59 -4.26 -2.33
CA LEU A 422 -25.83 -3.43 -2.22
C LEU A 422 -26.28 -3.06 -3.64
N GLU A 423 -27.49 -2.53 -3.76
CA GLU A 423 -28.01 -1.82 -4.95
C GLU A 423 -28.57 -0.50 -4.48
N ARG A 424 -28.41 0.55 -5.28
CA ARG A 424 -29.05 1.85 -5.03
C ARG A 424 -29.70 2.30 -6.34
N ASP A 425 -31.04 2.34 -6.36
CA ASP A 425 -31.84 2.65 -7.56
C ASP A 425 -31.44 1.67 -8.66
N GLY A 426 -31.39 0.38 -8.32
CA GLY A 426 -31.12 -0.73 -9.26
C GLY A 426 -29.65 -0.83 -9.68
N ALA A 427 -28.80 0.14 -9.32
CA ALA A 427 -27.35 0.21 -9.70
C ALA A 427 -26.49 -0.46 -8.62
N PRO A 428 -25.52 -1.33 -8.99
CA PRO A 428 -24.71 -2.04 -8.01
C PRO A 428 -23.82 -1.08 -7.21
N LEU A 429 -23.64 -1.43 -5.94
CA LEU A 429 -22.93 -0.64 -4.91
C LEU A 429 -22.32 -1.71 -4.00
N SER A 430 -21.39 -1.35 -3.13
CA SER A 430 -21.01 -2.22 -2.00
C SER A 430 -20.76 -1.34 -0.78
N THR A 431 -20.73 -1.94 0.42
CA THR A 431 -20.29 -1.23 1.66
C THR A 431 -18.97 -0.51 1.40
N LEU A 432 -18.03 -1.10 0.66
CA LEU A 432 -16.68 -0.47 0.44
C LEU A 432 -16.81 0.89 -0.27
N ASP A 433 -17.80 1.02 -1.17
CA ASP A 433 -18.04 2.32 -1.85
C ASP A 433 -18.43 3.39 -0.85
N LEU A 434 -19.05 3.02 0.27
CA LEU A 434 -19.47 4.01 1.28
C LEU A 434 -18.26 4.50 2.08
N PHE A 435 -17.13 3.80 2.07
CA PHE A 435 -15.98 4.14 2.94
C PHE A 435 -14.94 4.92 2.13
N GLY A 436 -13.98 5.55 2.81
CA GLY A 436 -12.79 6.15 2.18
C GLY A 436 -12.80 7.65 2.30
N ASP A 437 -13.93 8.28 2.70
CA ASP A 437 -14.00 9.77 2.65
C ASP A 437 -14.02 10.40 4.03
N GLY A 438 -14.26 9.62 5.08
CA GLY A 438 -14.79 10.15 6.34
C GLY A 438 -15.36 9.04 7.17
N PHE A 439 -15.62 9.31 8.43
CA PHE A 439 -16.24 8.30 9.31
C PHE A 439 -17.62 7.96 8.78
N VAL A 440 -17.94 6.69 8.85
CA VAL A 440 -19.26 6.17 8.41
C VAL A 440 -19.91 5.39 9.54
N LEU A 441 -21.19 5.64 9.80
CA LEU A 441 -21.96 4.74 10.69
C LEU A 441 -22.96 3.92 9.87
N LEU A 442 -22.82 2.61 9.91
CA LEU A 442 -23.78 1.70 9.24
C LEU A 442 -24.72 1.16 10.30
N VAL A 443 -25.99 0.98 9.97
CA VAL A 443 -26.91 0.34 10.94
C VAL A 443 -27.76 -0.70 10.25
N GLY A 444 -28.27 -1.66 11.02
CA GLY A 444 -29.20 -2.68 10.52
C GLY A 444 -30.59 -2.12 10.20
N ALA A 445 -31.42 -2.95 9.59
CA ALA A 445 -32.83 -2.67 9.21
C ALA A 445 -33.61 -2.06 10.39
N ASP A 446 -33.34 -2.49 11.62
CA ASP A 446 -34.06 -2.02 12.84
C ASP A 446 -33.28 -0.90 13.54
N GLY A 447 -32.39 -0.21 12.83
CA GLY A 447 -31.49 0.76 13.49
C GLY A 447 -31.68 2.19 13.04
N GLY A 448 -32.87 2.55 12.55
CA GLY A 448 -33.13 3.92 12.08
C GLY A 448 -32.75 4.99 13.09
N SER A 449 -32.89 4.72 14.37
CA SER A 449 -32.58 5.69 15.48
C SER A 449 -31.07 6.03 15.50
N TRP A 450 -30.23 5.21 14.89
CA TRP A 450 -28.77 5.49 14.93
C TRP A 450 -28.45 6.76 14.10
N ALA A 451 -29.33 7.18 13.17
CA ALA A 451 -29.14 8.45 12.42
C ALA A 451 -29.00 9.61 13.41
N GLU A 452 -29.89 9.69 14.40
CA GLU A 452 -29.83 10.73 15.45
C GLU A 452 -28.55 10.56 16.28
N ALA A 453 -28.12 9.33 16.55
CA ALA A 453 -26.89 9.10 17.34
C ALA A 453 -25.70 9.65 16.54
N ALA A 454 -25.68 9.40 15.23
CA ALA A 454 -24.62 9.89 14.31
C ALA A 454 -24.62 11.43 14.29
N GLY A 455 -25.81 12.04 14.17
CA GLY A 455 -25.97 13.50 14.24
C GLY A 455 -25.42 14.06 15.53
N GLU A 456 -25.74 13.42 16.67
CA GLU A 456 -25.33 13.86 18.02
C GLU A 456 -23.81 13.76 18.13
N ALA A 457 -23.22 12.61 17.78
CA ALA A 457 -21.76 12.40 17.84
C ALA A 457 -21.04 13.39 16.93
N ALA A 458 -21.55 13.56 15.70
CA ALA A 458 -20.95 14.41 14.67
C ALA A 458 -20.90 15.86 15.17
N ALA A 459 -21.99 16.36 15.76
CA ALA A 459 -22.06 17.76 16.25
C ALA A 459 -21.17 17.93 17.49
N GLY A 460 -21.25 17.00 18.44
CA GLY A 460 -20.43 17.03 19.67
C GLY A 460 -18.96 17.20 19.35
N LEU A 461 -18.42 16.36 18.46
CA LEU A 461 -16.97 16.26 18.18
C LEU A 461 -16.55 17.07 16.96
N GLY A 462 -17.49 17.76 16.29
CA GLY A 462 -17.20 18.59 15.10
C GLY A 462 -16.54 17.75 14.01
N VAL A 463 -17.03 16.54 13.80
CA VAL A 463 -16.47 15.61 12.79
C VAL A 463 -17.66 15.03 12.01
N GLY A 464 -17.46 14.86 10.72
CA GLY A 464 -18.47 14.32 9.81
C GLY A 464 -18.68 12.86 10.07
N ILE A 465 -19.95 12.42 10.15
CA ILE A 465 -20.28 10.97 10.22
C ILE A 465 -21.38 10.73 9.20
N ALA A 466 -21.07 9.99 8.15
CA ALA A 466 -22.01 9.58 7.08
C ALA A 466 -22.84 8.41 7.59
N PHE A 467 -24.14 8.57 7.70
CA PHE A 467 -25.02 7.48 8.19
C PHE A 467 -25.67 6.74 7.02
N HIS A 468 -25.67 5.42 7.02
CA HIS A 468 -26.36 4.56 6.03
C HIS A 468 -27.00 3.41 6.81
N ARG A 469 -28.33 3.38 6.88
CA ARG A 469 -29.03 2.17 7.35
C ARG A 469 -29.02 1.19 6.19
N VAL A 470 -28.71 -0.07 6.47
CA VAL A 470 -28.60 -1.13 5.44
C VAL A 470 -29.73 -2.13 5.66
N ALA A 471 -30.73 -2.10 4.78
CA ALA A 471 -32.00 -2.83 4.96
C ALA A 471 -32.33 -3.58 3.67
N PRO A 472 -32.95 -4.78 3.74
CA PRO A 472 -33.18 -5.60 2.55
C PRO A 472 -34.35 -5.17 1.65
N ASP A 473 -35.05 -4.08 1.98
CA ASP A 473 -36.13 -3.52 1.11
C ASP A 473 -35.68 -2.14 0.60
N ALA A 474 -35.44 -1.20 1.51
CA ALA A 474 -34.94 0.19 1.29
C ALA A 474 -35.56 0.85 0.04
N GLY A 475 -35.98 2.11 0.17
CA GLY A 475 -36.70 2.81 -0.91
C GLY A 475 -35.74 3.44 -1.92
N GLU A 476 -36.26 4.41 -2.68
CA GLU A 476 -35.49 5.25 -3.63
C GLU A 476 -34.31 5.91 -2.92
N GLY A 477 -33.12 5.85 -3.53
CA GLY A 477 -31.96 6.66 -3.15
C GLY A 477 -31.21 6.06 -1.96
N ARG A 478 -31.61 4.89 -1.48
CA ARG A 478 -31.00 4.26 -0.29
C ARG A 478 -30.39 2.92 -0.71
N PRO A 479 -29.31 2.49 0.00
CA PRO A 479 -28.66 1.22 -0.32
C PRO A 479 -29.56 0.06 0.10
N VAL A 480 -29.85 -0.86 -0.80
CA VAL A 480 -30.61 -2.10 -0.53
C VAL A 480 -29.64 -3.25 -0.28
N ASP A 481 -29.88 -4.01 0.79
CA ASP A 481 -29.11 -5.23 1.15
C ASP A 481 -29.83 -6.37 0.44
N VAL A 482 -29.42 -6.66 -0.79
CA VAL A 482 -30.23 -7.37 -1.82
C VAL A 482 -30.31 -8.87 -1.50
N HIS A 483 -29.45 -9.38 -0.60
CA HIS A 483 -29.51 -10.78 -0.09
C HIS A 483 -29.60 -10.82 1.44
N GLY A 484 -29.90 -9.70 2.11
CA GLY A 484 -30.06 -9.58 3.57
C GLY A 484 -28.89 -10.16 4.37
N ARG A 485 -27.64 -9.85 3.99
CA ARG A 485 -26.45 -10.47 4.61
C ARG A 485 -25.68 -9.46 5.49
N TRP A 486 -26.04 -8.17 5.49
CA TRP A 486 -25.25 -7.12 6.17
C TRP A 486 -25.05 -7.41 7.67
N ALA A 487 -26.12 -7.69 8.44
CA ALA A 487 -26.04 -7.82 9.91
C ALA A 487 -25.11 -9.00 10.30
N GLU A 488 -25.32 -10.17 9.71
CA GLU A 488 -24.48 -11.36 9.95
C GLU A 488 -23.02 -11.02 9.55
N ALA A 489 -22.82 -10.32 8.46
CA ALA A 489 -21.46 -10.04 7.92
C ALA A 489 -20.70 -9.09 8.86
N TYR A 490 -21.40 -8.19 9.55
CA TYR A 490 -20.85 -7.12 10.42
C TYR A 490 -20.95 -7.51 11.90
N GLY A 491 -21.42 -8.73 12.16
CA GLY A 491 -21.45 -9.35 13.49
C GLY A 491 -22.35 -8.58 14.46
N VAL A 492 -23.42 -7.97 13.94
CA VAL A 492 -24.40 -7.25 14.80
C VAL A 492 -25.81 -7.78 14.56
N GLY A 493 -26.74 -7.44 15.45
CA GLY A 493 -28.16 -7.70 15.20
C GLY A 493 -28.72 -6.62 14.31
N ALA A 494 -29.96 -6.79 13.90
CA ALA A 494 -30.60 -5.88 12.90
C ALA A 494 -30.76 -4.51 13.53
N ALA A 495 -30.69 -4.38 14.86
CA ALA A 495 -30.86 -3.08 15.55
C ALA A 495 -29.50 -2.44 15.85
N GLY A 496 -28.42 -3.11 15.44
CA GLY A 496 -27.06 -2.68 15.80
C GLY A 496 -26.50 -1.62 14.87
N ALA A 497 -25.31 -1.13 15.18
CA ALA A 497 -24.59 -0.17 14.32
C ALA A 497 -23.10 -0.49 14.32
N VAL A 498 -22.44 -0.06 13.26
CA VAL A 498 -20.97 -0.24 13.13
C VAL A 498 -20.39 1.09 12.68
N LEU A 499 -19.40 1.59 13.42
CA LEU A 499 -18.64 2.80 13.04
C LEU A 499 -17.39 2.37 12.27
N VAL A 500 -17.22 2.90 11.09
CA VAL A 500 -16.09 2.57 10.19
C VAL A 500 -15.22 3.80 10.03
N ARG A 501 -13.92 3.62 10.16
CA ARG A 501 -12.94 4.71 9.96
C ARG A 501 -12.84 5.07 8.48
N PRO A 502 -12.22 6.22 8.18
CA PRO A 502 -11.95 6.64 6.80
C PRO A 502 -11.06 5.67 6.00
N ASP A 503 -10.40 4.71 6.64
CA ASP A 503 -9.57 3.70 5.95
C ASP A 503 -10.33 2.37 5.87
N GLY A 504 -11.62 2.36 6.19
CA GLY A 504 -12.48 1.17 6.06
C GLY A 504 -12.25 0.13 7.12
N ILE A 505 -11.54 0.48 8.19
CA ILE A 505 -11.32 -0.39 9.37
C ILE A 505 -12.45 -0.09 10.38
N VAL A 506 -13.04 -1.12 10.94
CA VAL A 506 -14.08 -0.97 11.99
C VAL A 506 -13.47 -0.28 13.22
N ALA A 507 -14.13 0.78 13.71
CA ALA A 507 -13.70 1.54 14.90
C ALA A 507 -14.45 1.10 16.15
N TRP A 508 -15.71 0.68 16.00
CA TRP A 508 -16.60 0.42 17.15
C TRP A 508 -17.86 -0.27 16.65
N ARG A 509 -18.49 -1.09 17.45
CA ARG A 509 -19.85 -1.52 17.07
C ARG A 509 -20.70 -1.68 18.30
N SER A 510 -22.01 -1.57 18.06
CA SER A 510 -23.05 -1.96 19.01
C SER A 510 -23.81 -3.13 18.39
N ARG A 511 -23.70 -4.32 18.95
CA ARG A 511 -24.38 -5.55 18.46
C ARG A 511 -25.90 -5.37 18.58
N ASP A 512 -26.33 -4.58 19.55
CA ASP A 512 -27.78 -4.40 19.84
C ASP A 512 -28.18 -2.94 19.67
N GLY A 513 -29.49 -2.67 19.65
CA GLY A 513 -30.01 -1.31 19.68
C GLY A 513 -29.62 -0.63 20.97
N MET A 514 -29.64 0.70 21.01
CA MET A 514 -29.48 1.47 22.27
C MET A 514 -30.63 2.47 22.40
N PRO A 515 -31.44 2.37 23.48
CA PRO A 515 -32.65 3.18 23.60
C PRO A 515 -32.36 4.65 23.89
N GLY A 516 -33.14 5.56 23.28
CA GLY A 516 -33.13 7.00 23.57
C GLY A 516 -31.79 7.62 23.21
N GLY A 517 -31.24 8.46 24.10
CA GLY A 517 -29.94 9.11 23.90
C GLY A 517 -28.76 8.18 24.18
N ALA A 518 -28.98 6.94 24.65
CA ALA A 518 -27.86 6.06 25.04
C ALA A 518 -26.95 5.85 23.81
N GLY A 519 -27.57 5.68 22.64
CA GLY A 519 -26.86 5.41 21.37
C GLY A 519 -25.90 6.54 21.08
N GLY A 520 -26.39 7.77 21.13
CA GLY A 520 -25.63 9.00 20.89
C GLY A 520 -24.48 9.14 21.87
N ARG A 521 -24.75 8.88 23.14
CA ARG A 521 -23.73 8.94 24.22
C ARG A 521 -22.66 7.88 23.95
N ALA A 522 -23.05 6.64 23.68
CA ALA A 522 -22.08 5.54 23.47
C ALA A 522 -21.21 5.84 22.23
N LEU A 523 -21.83 6.31 21.13
CA LEU A 523 -21.10 6.60 19.88
C LEU A 523 -20.14 7.75 20.13
N THR A 524 -20.58 8.80 20.83
CA THR A 524 -19.70 9.98 21.13
C THR A 524 -18.49 9.51 21.94
N ALA A 525 -18.71 8.70 22.97
CA ALA A 525 -17.62 8.19 23.83
C ALA A 525 -16.63 7.41 22.94
N ALA A 526 -17.11 6.50 22.11
CA ALA A 526 -16.27 5.61 21.28
C ALA A 526 -15.45 6.46 20.30
N LEU A 527 -16.11 7.37 19.57
CA LEU A 527 -15.45 8.26 18.58
C LEU A 527 -14.46 9.18 19.30
N ARG A 528 -14.77 9.58 20.54
CA ARG A 528 -13.84 10.43 21.34
C ARG A 528 -12.55 9.63 21.68
N THR A 529 -12.66 8.34 22.01
CA THR A 529 -11.48 7.49 22.26
C THR A 529 -10.69 7.30 20.96
N VAL A 530 -11.40 6.97 19.89
CA VAL A 530 -10.79 6.71 18.55
C VAL A 530 -9.95 7.93 18.19
N LEU A 531 -10.48 9.14 18.40
CA LEU A 531 -9.88 10.39 17.91
C LEU A 531 -8.94 10.97 18.97
N ALA A 532 -8.64 10.22 20.03
CA ALA A 532 -7.66 10.63 21.07
C ALA A 532 -8.08 11.95 21.69
N ARG A 533 -9.35 12.05 22.08
CA ARG A 533 -9.97 13.27 22.68
C ARG A 533 -10.73 12.91 23.97
#